data_1NYM
#
_entry.id   1NYM
#
_cell.length_a   41.344
_cell.length_b   61.659
_cell.length_c   89.129
_cell.angle_alpha   90.00
_cell.angle_beta   90.00
_cell.angle_gamma   90.00
#
_symmetry.space_group_name_H-M   'P 21 21 21'
#
loop_
_entity.id
_entity.type
_entity.pdbx_description
1 polymer 'Beta-lactamase TEM'
2 non-polymer 'POTASSIUM ION'
3 non-polymer 'PHOSPHATE ION'
4 non-polymer '[(2-AMINO-ALPHA-METHOXYIMINO-4-THIAZOLYLACETYL)AMINO]METHYLBORONIC ACID'
5 water water
#
_entity_poly.entity_id   1
_entity_poly.type   'polypeptide(L)'
_entity_poly.pdbx_seq_one_letter_code
;HPETLVKVKDAEDQLGARVGYIELDLNSGKILESFRPEERFPMMSTFKVLLCGAVLSRVDAGQEQLGRRIHYSQNDLVEY
SPVTEKHLTDGMTVRELCSAAITMSDNTAANLLLTTIGGPKELTAFLHNMGDHVTRLDRWEPELNEAIPNDERDTTTPAA
MATTLRKLLTGELLTLASRQQLIDWMEADKVAGPLLRSALPAGWFIADKSGAGERGSRGIIAALGPDGKPSRIVVIYTTG
SQATMDERNRQIAEIGASLIKHW
;
_entity_poly.pdbx_strand_id   A
#
loop_
_chem_comp.id
_chem_comp.type
_chem_comp.name
_chem_comp.formula
CXB non-polymer '[(2-AMINO-ALPHA-METHOXYIMINO-4-THIAZOLYLACETYL)AMINO]METHYLBORONIC ACID' 'C7 H11 B N4 O4 S'
K non-polymer 'POTASSIUM ION' 'K 1'
PO4 non-polymer 'PHOSPHATE ION' 'O4 P -3'
#
# COMPACT_ATOMS: atom_id res chain seq x y z
N HIS A 1 20.95 6.11 0.57
N HIS A 1 21.39 6.60 0.87
CA HIS A 1 22.38 5.94 0.85
CA HIS A 1 22.77 6.14 0.95
C HIS A 1 22.82 4.61 0.26
C HIS A 1 22.91 4.72 0.38
N PRO A 2 24.01 4.48 -0.33
CA PRO A 2 24.32 3.15 -0.90
C PRO A 2 24.38 2.04 0.09
N GLU A 3 24.65 2.28 1.35
CA GLU A 3 24.65 1.32 2.43
C GLU A 3 23.28 0.64 2.52
N THR A 4 22.21 1.36 2.23
CA THR A 4 20.89 0.72 2.22
C THR A 4 20.76 -0.22 1.03
N LEU A 5 21.37 0.11 -0.11
CA LEU A 5 21.40 -0.82 -1.22
C LEU A 5 22.15 -2.07 -0.90
N VAL A 6 23.20 -2.01 -0.08
CA VAL A 6 23.85 -3.22 0.41
C VAL A 6 22.79 -4.15 1.00
N LYS A 7 21.93 -3.61 1.87
CA LYS A 7 20.90 -4.40 2.51
C LYS A 7 19.82 -4.85 1.55
N VAL A 8 19.40 -4.01 0.63
CA VAL A 8 18.40 -4.45 -0.34
C VAL A 8 18.92 -5.61 -1.18
N LYS A 9 20.12 -5.44 -1.72
N LYS A 9 20.19 -5.56 -1.62
CA LYS A 9 20.57 -6.51 -2.63
CA LYS A 9 20.87 -6.63 -2.35
C LYS A 9 20.92 -7.72 -1.77
C LYS A 9 20.85 -7.92 -1.54
N ASP A 10 21.27 -7.56 -0.48
N ASP A 10 21.39 -7.79 -0.32
CA ASP A 10 21.44 -8.69 0.44
CA ASP A 10 21.42 -8.94 0.57
C ASP A 10 20.12 -9.45 0.63
C ASP A 10 20.04 -9.58 0.70
N ALA A 11 19.02 -8.72 0.77
CA ALA A 11 17.68 -9.28 0.89
C ALA A 11 17.35 -10.14 -0.32
N GLU A 12 17.56 -9.61 -1.54
N GLU A 12 17.83 -9.73 -1.48
CA GLU A 12 17.24 -10.29 -2.79
CA GLU A 12 17.81 -10.70 -2.57
C GLU A 12 18.01 -11.60 -2.84
C GLU A 12 18.62 -11.95 -2.27
N ASP A 13 19.25 -11.56 -2.39
N ASP A 13 19.84 -11.81 -1.76
CA ASP A 13 20.04 -12.77 -2.24
CA ASP A 13 20.66 -12.99 -1.45
C ASP A 13 19.45 -13.74 -1.21
C ASP A 13 19.91 -13.92 -0.51
N GLN A 14 19.21 -13.31 0.02
N GLN A 14 19.21 -13.35 0.47
CA GLN A 14 18.75 -14.12 1.13
CA GLN A 14 18.60 -14.20 1.49
C GLN A 14 17.45 -14.83 0.77
C GLN A 14 17.26 -14.74 1.05
N LEU A 15 16.57 -14.05 0.14
CA LEU A 15 15.24 -14.47 -0.27
C LEU A 15 15.22 -15.30 -1.54
N GLY A 16 16.30 -15.33 -2.32
CA GLY A 16 16.31 -16.04 -3.58
C GLY A 16 15.29 -15.51 -4.55
N ALA A 17 15.05 -14.21 -4.56
CA ALA A 17 13.97 -13.62 -5.31
C ALA A 17 14.18 -12.12 -5.48
N ARG A 18 13.54 -11.58 -6.49
CA ARG A 18 13.64 -10.16 -6.80
C ARG A 18 13.06 -9.32 -5.65
N VAL A 19 13.74 -8.23 -5.36
CA VAL A 19 13.29 -7.15 -4.48
C VAL A 19 13.31 -5.85 -5.28
N GLY A 20 12.25 -5.08 -5.16
CA GLY A 20 12.15 -3.75 -5.72
C GLY A 20 12.08 -2.73 -4.60
N TYR A 21 12.74 -1.60 -4.76
CA TYR A 21 12.86 -0.59 -3.74
C TYR A 21 12.93 0.79 -4.32
N ILE A 22 12.29 1.74 -3.65
N ILE A 22 12.23 1.75 -3.72
CA ILE A 22 12.57 3.14 -3.94
CA ILE A 22 12.33 3.19 -3.92
C ILE A 22 12.35 3.96 -2.69
C ILE A 22 12.41 3.91 -2.57
N GLU A 23 13.18 4.98 -2.54
CA GLU A 23 13.10 5.99 -1.51
C GLU A 23 12.96 7.33 -2.24
N LEU A 24 11.92 8.07 -1.95
N LEU A 24 11.85 8.01 -2.02
CA LEU A 24 11.48 9.26 -2.66
CA LEU A 24 11.58 9.30 -2.63
C LEU A 24 11.30 10.43 -1.70
C LEU A 24 11.53 10.40 -1.55
N ASP A 25 11.89 11.60 -1.98
CA ASP A 25 11.64 12.79 -1.19
C ASP A 25 10.19 13.21 -1.38
N LEU A 26 9.46 13.33 -0.28
CA LEU A 26 8.03 13.63 -0.37
C LEU A 26 7.79 15.00 -0.97
N ASN A 27 8.53 15.98 -0.54
CA ASN A 27 8.32 17.37 -0.95
C ASN A 27 8.73 17.54 -2.41
N SER A 28 9.93 17.10 -2.80
CA SER A 28 10.49 17.40 -4.11
C SER A 28 10.19 16.34 -5.15
N GLY A 29 9.84 15.13 -4.76
CA GLY A 29 9.72 14.02 -5.68
C GLY A 29 11.04 13.43 -6.15
N LYS A 30 12.16 13.86 -5.58
CA LYS A 30 13.46 13.32 -6.00
C LYS A 30 13.62 11.87 -5.62
N ILE A 31 14.06 11.02 -6.54
CA ILE A 31 14.46 9.65 -6.21
C ILE A 31 15.79 9.69 -5.48
N LEU A 32 15.77 9.27 -4.23
CA LEU A 32 17.00 9.26 -3.42
C LEU A 32 17.82 7.99 -3.60
N GLU A 33 17.14 6.87 -3.82
N GLU A 33 17.16 6.84 -3.70
CA GLU A 33 17.78 5.58 -3.95
CA GLU A 33 17.79 5.58 -3.99
C GLU A 33 16.78 4.59 -4.52
C GLU A 33 16.76 4.69 -4.68
N SER A 34 17.23 3.64 -5.34
CA SER A 34 16.28 2.70 -5.92
C SER A 34 17.00 1.39 -6.23
N PHE A 35 16.15 0.38 -6.43
N PHE A 35 16.20 0.35 -6.48
CA PHE A 35 16.60 -0.90 -6.96
CA PHE A 35 16.63 -1.01 -6.84
C PHE A 35 15.42 -1.53 -7.69
C PHE A 35 15.52 -1.69 -7.61
N ARG A 36 15.68 -1.95 -8.91
CA ARG A 36 14.61 -2.45 -9.78
C ARG A 36 13.41 -1.51 -9.79
N PRO A 37 13.60 -0.19 -9.92
CA PRO A 37 12.48 0.74 -9.73
C PRO A 37 11.39 0.66 -10.77
N GLU A 38 11.70 0.15 -11.96
CA GLU A 38 10.75 0.10 -13.05
C GLU A 38 10.41 -1.32 -13.47
N GLU A 39 10.68 -2.28 -12.58
CA GLU A 39 10.23 -3.66 -12.76
C GLU A 39 8.87 -3.83 -12.08
N ARG A 40 8.03 -4.66 -12.65
CA ARG A 40 6.71 -4.92 -12.13
C ARG A 40 6.71 -5.94 -11.02
N PHE A 41 5.89 -5.68 -10.03
CA PHE A 41 5.65 -6.54 -8.88
C PHE A 41 4.13 -6.54 -8.60
N PRO A 42 3.60 -7.66 -8.12
CA PRO A 42 2.21 -7.67 -7.63
C PRO A 42 2.03 -6.65 -6.53
N MET A 43 0.98 -5.84 -6.63
CA MET A 43 0.61 -4.92 -5.58
C MET A 43 0.14 -5.58 -4.30
N MET A 44 -0.60 -6.67 -4.43
CA MET A 44 -1.27 -7.26 -3.30
C MET A 44 -2.10 -6.17 -2.62
N SER A 45 -2.22 -6.20 -1.30
CA SER A 45 -3.10 -5.27 -0.62
C SER A 45 -2.64 -3.82 -0.62
N THR A 46 -1.44 -3.54 -1.11
CA THR A 46 -1.03 -2.13 -1.20
C THR A 46 -1.96 -1.36 -2.12
N PHE A 47 -2.69 -2.03 -3.01
CA PHE A 47 -3.62 -1.32 -3.87
C PHE A 47 -4.74 -0.68 -3.07
N LYS A 48 -5.03 -1.15 -1.87
CA LYS A 48 -6.19 -0.65 -1.12
C LYS A 48 -6.06 0.84 -0.80
N VAL A 49 -4.85 1.35 -0.67
CA VAL A 49 -4.67 2.81 -0.52
C VAL A 49 -5.13 3.54 -1.77
N LEU A 50 -4.76 3.04 -2.95
CA LEU A 50 -5.15 3.62 -4.22
C LEU A 50 -6.66 3.61 -4.36
N LEU A 51 -7.27 2.49 -4.03
CA LEU A 51 -8.71 2.32 -4.03
C LEU A 51 -9.40 3.40 -3.20
N CYS A 52 -8.94 3.56 -1.95
CA CYS A 52 -9.57 4.55 -1.11
C CYS A 52 -9.24 5.99 -1.52
N GLY A 53 -8.13 6.21 -2.20
CA GLY A 53 -7.90 7.47 -2.90
C GLY A 53 -8.94 7.76 -3.97
N ALA A 54 -9.28 6.72 -4.75
CA ALA A 54 -10.31 6.88 -5.78
C ALA A 54 -11.65 7.15 -5.14
N VAL A 55 -11.97 6.48 -4.05
CA VAL A 55 -13.21 6.70 -3.30
C VAL A 55 -13.29 8.14 -2.79
N LEU A 56 -12.19 8.63 -2.22
CA LEU A 56 -12.17 9.99 -1.70
C LEU A 56 -12.26 11.01 -2.82
N SER A 57 -11.72 10.72 -4.01
CA SER A 57 -11.90 11.62 -5.16
C SER A 57 -13.36 11.74 -5.54
N ARG A 58 -14.09 10.63 -5.44
CA ARG A 58 -15.53 10.65 -5.66
C ARG A 58 -16.27 11.40 -4.57
N VAL A 59 -15.90 11.23 -3.32
CA VAL A 59 -16.46 12.06 -2.26
C VAL A 59 -16.24 13.55 -2.56
N ASP A 60 -15.03 13.96 -2.88
CA ASP A 60 -14.75 15.36 -3.17
C ASP A 60 -15.60 15.87 -4.32
N ALA A 61 -15.88 15.05 -5.32
CA ALA A 61 -16.71 15.44 -6.45
C ALA A 61 -18.21 15.37 -6.17
N GLY A 62 -18.65 14.94 -4.98
CA GLY A 62 -20.07 14.78 -4.75
C GLY A 62 -20.69 13.56 -5.42
N GLN A 63 -19.89 12.54 -5.68
CA GLN A 63 -20.34 11.30 -6.27
C GLN A 63 -20.43 10.18 -5.26
N GLU A 64 -19.96 10.38 -4.04
CA GLU A 64 -19.95 9.43 -2.94
C GLU A 64 -20.01 10.18 -1.62
N GLN A 65 -20.43 9.48 -0.59
CA GLN A 65 -20.48 10.03 0.76
C GLN A 65 -19.79 9.05 1.71
N LEU A 66 -18.90 9.55 2.56
CA LEU A 66 -18.23 8.64 3.50
C LEU A 66 -19.19 8.01 4.46
N GLY A 67 -20.32 8.67 4.76
CA GLY A 67 -21.30 8.07 5.64
C GLY A 67 -22.30 7.17 4.97
N ARG A 68 -22.26 6.93 3.66
CA ARG A 68 -23.23 6.06 3.01
C ARG A 68 -23.03 4.63 3.46
N ARG A 69 -24.14 3.95 3.77
CA ARG A 69 -24.08 2.60 4.31
C ARG A 69 -24.21 1.55 3.20
N ILE A 70 -23.30 0.59 3.20
N ILE A 70 -23.35 0.56 3.29
CA ILE A 70 -23.44 -0.51 2.27
CA ILE A 70 -23.25 -0.56 2.39
C ILE A 70 -23.78 -1.77 3.06
C ILE A 70 -23.75 -1.82 3.11
N HIS A 71 -24.79 -2.46 2.58
CA HIS A 71 -25.27 -3.72 3.11
C HIS A 71 -24.80 -4.88 2.26
N TYR A 72 -24.32 -5.93 2.90
CA TYR A 72 -23.72 -7.10 2.26
C TYR A 72 -24.13 -8.33 3.05
N SER A 73 -23.76 -9.48 2.48
N SER A 73 -23.66 -9.50 2.58
CA SER A 73 -24.22 -10.78 2.92
CA SER A 73 -24.15 -10.73 3.20
C SER A 73 -23.04 -11.71 3.13
C SER A 73 -23.10 -11.84 3.17
N GLN A 74 -23.27 -12.88 3.71
N GLN A 74 -23.48 -12.99 3.69
CA GLN A 74 -22.28 -13.95 3.70
CA GLN A 74 -22.56 -14.10 3.88
C GLN A 74 -21.82 -14.24 2.27
C GLN A 74 -21.79 -14.47 2.62
N ASN A 75 -22.70 -14.02 1.30
N ASN A 75 -22.46 -14.65 1.47
CA ASN A 75 -22.39 -14.23 -0.09
CA ASN A 75 -21.78 -15.06 0.25
C ASN A 75 -21.23 -13.37 -0.57
C ASN A 75 -20.81 -14.00 -0.29
N ASP A 76 -20.94 -12.25 0.06
N ASP A 76 -20.96 -12.73 0.06
CA ASP A 76 -19.85 -11.36 -0.33
CA ASP A 76 -20.03 -11.69 -0.33
C ASP A 76 -18.56 -11.67 0.40
C ASP A 76 -18.64 -11.90 0.27
N LEU A 77 -18.59 -12.44 1.47
CA LEU A 77 -17.36 -12.60 2.23
C LEU A 77 -16.36 -13.46 1.49
N VAL A 78 -15.13 -12.96 1.40
CA VAL A 78 -14.01 -13.69 0.87
C VAL A 78 -12.97 -13.87 1.99
N GLU A 79 -11.95 -14.64 1.72
CA GLU A 79 -10.95 -14.96 2.72
C GLU A 79 -10.30 -13.70 3.28
N TYR A 80 -10.06 -13.72 4.57
CA TYR A 80 -9.35 -12.70 5.34
C TYR A 80 -10.14 -11.41 5.34
N SER A 81 -11.21 -11.43 6.13
CA SER A 81 -12.19 -10.37 6.25
C SER A 81 -12.53 -10.17 7.71
N PRO A 82 -11.53 -9.81 8.51
CA PRO A 82 -11.70 -9.83 9.97
C PRO A 82 -12.67 -8.78 10.48
N VAL A 83 -12.85 -7.69 9.76
CA VAL A 83 -13.81 -6.67 10.17
C VAL A 83 -15.19 -6.90 9.56
N THR A 84 -15.24 -7.04 8.24
CA THR A 84 -16.52 -7.18 7.57
C THR A 84 -17.28 -8.40 8.03
N GLU A 85 -16.64 -9.50 8.41
CA GLU A 85 -17.37 -10.69 8.86
C GLU A 85 -18.16 -10.37 10.12
N LYS A 86 -17.88 -9.29 10.83
CA LYS A 86 -18.56 -8.96 12.08
C LYS A 86 -19.77 -8.05 11.91
N HIS A 87 -20.02 -7.54 10.71
CA HIS A 87 -21.05 -6.53 10.45
C HIS A 87 -22.02 -6.97 9.36
N LEU A 88 -22.31 -8.25 9.24
CA LEU A 88 -23.25 -8.71 8.22
C LEU A 88 -24.65 -8.19 8.46
N THR A 89 -25.10 -8.04 9.68
CA THR A 89 -26.48 -7.68 9.97
C THR A 89 -26.82 -6.25 9.55
N ASP A 90 -25.97 -5.32 9.95
CA ASP A 90 -26.29 -3.91 9.77
C ASP A 90 -25.40 -3.17 8.78
N GLY A 91 -24.42 -3.83 8.21
CA GLY A 91 -23.58 -3.21 7.20
C GLY A 91 -22.53 -2.30 7.77
N MET A 92 -21.88 -1.59 6.87
CA MET A 92 -20.78 -0.70 7.19
C MET A 92 -20.84 0.52 6.26
N THR A 93 -20.38 1.65 6.78
CA THR A 93 -20.32 2.83 5.92
C THR A 93 -19.07 2.80 5.05
N VAL A 94 -19.07 3.66 4.03
CA VAL A 94 -17.89 3.80 3.18
C VAL A 94 -16.65 4.10 3.97
N ARG A 95 -16.75 5.06 4.88
N ARG A 95 -16.68 5.04 4.93
CA ARG A 95 -15.66 5.38 5.77
CA ARG A 95 -15.48 5.32 5.71
C ARG A 95 -15.14 4.15 6.51
C ARG A 95 -15.06 4.13 6.57
N GLU A 96 -16.04 3.40 7.13
CA GLU A 96 -15.70 2.21 7.90
C GLU A 96 -15.05 1.17 7.03
N LEU A 97 -15.50 1.06 5.80
CA LEU A 97 -14.92 0.10 4.86
C LEU A 97 -13.50 0.48 4.48
N CYS A 98 -13.25 1.76 4.21
CA CYS A 98 -11.88 2.16 3.96
C CYS A 98 -10.96 1.98 5.15
N SER A 99 -11.47 2.28 6.35
CA SER A 99 -10.71 1.97 7.55
C SER A 99 -10.35 0.51 7.63
N ALA A 100 -11.32 -0.36 7.39
CA ALA A 100 -11.08 -1.79 7.45
C ALA A 100 -10.11 -2.25 6.39
N ALA A 101 -10.28 -1.75 5.17
CA ALA A 101 -9.45 -2.16 4.05
C ALA A 101 -8.00 -1.75 4.29
N ILE A 102 -7.78 -0.56 4.85
CA ILE A 102 -6.42 -0.06 5.03
C ILE A 102 -5.80 -0.53 6.32
N THR A 103 -6.48 -0.33 7.45
N THR A 103 -6.56 -0.37 7.40
CA THR A 103 -5.85 -0.66 8.73
CA THR A 103 -6.02 -0.60 8.74
C THR A 103 -5.73 -2.15 8.99
C THR A 103 -5.91 -2.06 9.15
N MET A 104 -6.74 -2.91 8.57
CA MET A 104 -6.84 -4.31 8.83
C MET A 104 -6.64 -5.16 7.57
N SER A 105 -6.46 -4.54 6.40
CA SER A 105 -6.32 -5.22 5.13
C SER A 105 -7.52 -6.08 4.76
N ASP A 106 -8.72 -5.70 5.22
CA ASP A 106 -9.89 -6.55 5.02
C ASP A 106 -10.23 -6.74 3.56
N ASN A 107 -10.31 -7.98 3.09
CA ASN A 107 -10.50 -8.21 1.67
C ASN A 107 -11.91 -7.99 1.18
N THR A 108 -12.91 -8.38 1.95
CA THR A 108 -14.28 -8.09 1.53
C THR A 108 -14.49 -6.59 1.48
N ALA A 109 -13.96 -5.84 2.45
CA ALA A 109 -14.09 -4.38 2.40
C ALA A 109 -13.58 -3.85 1.08
N ALA A 110 -12.41 -4.33 0.64
CA ALA A 110 -11.85 -3.89 -0.63
C ALA A 110 -12.78 -4.22 -1.79
N ASN A 111 -13.36 -5.44 -1.83
CA ASN A 111 -14.28 -5.75 -2.91
C ASN A 111 -15.50 -4.85 -2.87
N LEU A 112 -16.07 -4.58 -1.70
CA LEU A 112 -17.24 -3.70 -1.65
C LEU A 112 -16.92 -2.30 -2.15
N LEU A 113 -15.77 -1.79 -1.77
CA LEU A 113 -15.32 -0.47 -2.23
C LEU A 113 -15.03 -0.47 -3.73
N LEU A 114 -14.39 -1.53 -4.26
N LEU A 114 -14.42 -1.55 -4.20
CA LEU A 114 -14.22 -1.61 -5.71
CA LEU A 114 -14.17 -1.70 -5.63
C LEU A 114 -15.56 -1.52 -6.41
C LEU A 114 -15.47 -1.66 -6.42
N THR A 115 -16.55 -2.22 -5.87
CA THR A 115 -17.85 -2.19 -6.51
C THR A 115 -18.38 -0.77 -6.60
N THR A 116 -18.17 0.04 -5.58
CA THR A 116 -18.68 1.41 -5.59
C THR A 116 -18.11 2.26 -6.71
N ILE A 117 -16.87 2.03 -7.14
CA ILE A 117 -16.26 2.90 -8.12
C ILE A 117 -16.34 2.29 -9.51
N GLY A 118 -16.92 1.10 -9.66
CA GLY A 118 -17.07 0.47 -10.94
C GLY A 118 -16.06 -0.61 -11.25
N GLY A 119 -15.31 -1.08 -10.25
CA GLY A 119 -14.46 -2.24 -10.39
C GLY A 119 -13.06 -1.88 -10.78
N PRO A 120 -12.23 -2.93 -10.91
CA PRO A 120 -10.81 -2.75 -11.25
C PRO A 120 -10.56 -1.86 -12.45
N LYS A 121 -11.40 -1.96 -13.51
CA LYS A 121 -11.16 -1.17 -14.71
C LYS A 121 -11.22 0.34 -14.38
N GLU A 122 -12.13 0.67 -13.46
CA GLU A 122 -12.26 2.07 -13.10
C GLU A 122 -11.19 2.54 -12.18
N LEU A 123 -10.66 1.66 -11.33
CA LEU A 123 -9.50 2.09 -10.53
C LEU A 123 -8.34 2.36 -11.48
N THR A 124 -8.18 1.48 -12.46
CA THR A 124 -7.07 1.68 -13.41
C THR A 124 -7.26 2.97 -14.18
N ALA A 125 -8.49 3.25 -14.61
CA ALA A 125 -8.77 4.49 -15.32
C ALA A 125 -8.46 5.69 -14.44
N PHE A 126 -8.81 5.61 -13.17
CA PHE A 126 -8.52 6.68 -12.23
C PHE A 126 -7.02 6.91 -12.14
N LEU A 127 -6.25 5.84 -12.03
CA LEU A 127 -4.80 5.94 -11.99
C LEU A 127 -4.23 6.54 -13.24
N HIS A 128 -4.67 6.09 -14.41
CA HIS A 128 -4.15 6.64 -15.67
C HIS A 128 -4.45 8.13 -15.74
N ASN A 129 -5.64 8.53 -15.31
CA ASN A 129 -6.09 9.93 -15.36
C ASN A 129 -5.29 10.83 -14.43
N MET A 130 -4.66 10.28 -13.41
N MET A 130 -4.65 10.30 -13.40
CA MET A 130 -3.81 11.05 -12.52
CA MET A 130 -3.78 11.15 -12.58
C MET A 130 -2.33 10.93 -12.90
C MET A 130 -2.31 10.86 -12.86
N GLY A 131 -2.03 10.31 -14.02
CA GLY A 131 -0.67 10.28 -14.54
C GLY A 131 0.12 9.04 -14.27
N ASP A 132 -0.53 8.03 -13.71
CA ASP A 132 0.10 6.74 -13.47
C ASP A 132 -0.28 5.82 -14.63
N HIS A 133 0.60 5.70 -15.61
CA HIS A 133 0.39 4.89 -16.79
C HIS A 133 0.96 3.49 -16.67
N VAL A 134 1.27 3.07 -15.45
CA VAL A 134 1.91 1.82 -15.16
C VAL A 134 1.04 0.91 -14.32
N THR A 135 0.61 1.40 -13.18
CA THR A 135 -0.16 0.60 -12.23
C THR A 135 -1.48 0.17 -12.85
N ARG A 136 -1.82 -1.10 -12.65
CA ARG A 136 -3.09 -1.63 -13.15
C ARG A 136 -3.68 -2.60 -12.14
N LEU A 137 -4.96 -2.50 -11.93
CA LEU A 137 -5.73 -3.49 -11.21
C LEU A 137 -6.67 -4.12 -12.25
N ASP A 138 -6.71 -5.44 -12.23
CA ASP A 138 -7.42 -6.26 -13.17
C ASP A 138 -8.46 -7.19 -12.57
N ARG A 139 -8.21 -7.63 -11.34
CA ARG A 139 -9.00 -8.64 -10.66
C ARG A 139 -9.46 -8.14 -9.30
N TRP A 140 -10.30 -8.94 -8.68
CA TRP A 140 -10.87 -8.74 -7.37
C TRP A 140 -10.16 -9.58 -6.32
N GLU A 141 -10.50 -9.38 -5.05
CA GLU A 141 -10.03 -10.30 -4.03
C GLU A 141 -10.77 -11.62 -4.15
N PRO A 142 -10.16 -12.78 -4.07
CA PRO A 142 -8.74 -12.99 -3.74
C PRO A 142 -7.79 -13.08 -4.93
N GLU A 143 -8.29 -13.23 -6.14
CA GLU A 143 -7.44 -13.62 -7.25
C GLU A 143 -6.37 -12.59 -7.57
N LEU A 144 -6.55 -11.33 -7.21
CA LEU A 144 -5.55 -10.31 -7.55
C LEU A 144 -4.21 -10.58 -6.85
N ASN A 145 -4.17 -11.47 -5.86
CA ASN A 145 -2.93 -11.81 -5.17
C ASN A 145 -2.17 -12.99 -5.77
N GLU A 146 -2.59 -13.47 -6.93
N GLU A 146 -2.56 -13.47 -6.93
CA GLU A 146 -2.04 -14.68 -7.53
CA GLU A 146 -2.01 -14.73 -7.44
C GLU A 146 -0.53 -14.62 -7.72
C GLU A 146 -0.54 -14.66 -7.84
N ALA A 147 -0.03 -13.47 -8.18
CA ALA A 147 1.40 -13.27 -8.35
C ALA A 147 2.02 -14.23 -9.35
N ILE A 148 1.32 -14.43 -10.48
CA ILE A 148 1.87 -15.30 -11.49
C ILE A 148 3.14 -14.72 -12.09
N PRO A 149 4.21 -15.49 -12.22
CA PRO A 149 5.44 -14.93 -12.77
C PRO A 149 5.17 -14.35 -14.16
N ASN A 150 5.70 -13.15 -14.42
CA ASN A 150 5.64 -12.46 -15.68
C ASN A 150 4.25 -11.96 -16.07
N ASP A 151 3.28 -12.09 -15.18
CA ASP A 151 1.95 -11.55 -15.38
C ASP A 151 1.95 -10.07 -15.01
N GLU A 152 1.40 -9.27 -15.91
N GLU A 152 1.43 -9.21 -15.88
CA GLU A 152 1.22 -7.84 -15.75
CA GLU A 152 1.30 -7.80 -15.54
C GLU A 152 0.01 -7.51 -14.88
C GLU A 152 -0.03 -7.46 -14.91
N ARG A 153 -0.95 -8.42 -14.81
CA ARG A 153 -2.20 -8.12 -14.09
C ARG A 153 -1.91 -7.74 -12.64
N ASP A 154 -2.58 -6.71 -12.13
CA ASP A 154 -2.55 -6.42 -10.70
C ASP A 154 -1.16 -6.06 -10.23
N THR A 155 -0.38 -5.37 -11.07
CA THR A 155 0.98 -4.97 -10.77
C THR A 155 1.17 -3.47 -10.77
N THR A 156 2.24 -3.06 -10.14
CA THR A 156 2.82 -1.73 -10.16
C THR A 156 4.34 -1.86 -10.32
N THR A 157 5.02 -0.73 -10.33
CA THR A 157 6.47 -0.71 -10.19
C THR A 157 6.78 0.09 -8.92
N PRO A 158 7.95 -0.10 -8.32
CA PRO A 158 8.26 0.75 -7.15
C PRO A 158 8.14 2.23 -7.46
N ALA A 159 8.68 2.63 -8.60
CA ALA A 159 8.66 4.04 -9.00
C ALA A 159 7.24 4.53 -9.24
N ALA A 160 6.40 3.76 -9.92
CA ALA A 160 5.06 4.23 -10.23
C ALA A 160 4.23 4.36 -8.95
N MET A 161 4.34 3.35 -8.08
N MET A 161 4.36 3.36 -8.06
CA MET A 161 3.64 3.39 -6.82
CA MET A 161 3.61 3.35 -6.83
C MET A 161 4.07 4.58 -5.97
C MET A 161 4.09 4.47 -5.89
N ALA A 162 5.39 4.74 -5.83
CA ALA A 162 5.87 5.82 -4.96
C ALA A 162 5.38 7.17 -5.48
N THR A 163 5.49 7.38 -6.77
N THR A 163 5.46 7.42 -6.77
CA THR A 163 5.03 8.59 -7.44
CA THR A 163 5.04 8.74 -7.25
C THR A 163 3.57 8.84 -7.14
C THR A 163 3.53 8.89 -7.20
N THR A 164 2.75 7.83 -7.37
CA THR A 164 1.33 7.89 -7.15
C THR A 164 0.98 8.20 -5.71
N LEU A 165 1.66 7.54 -4.77
CA LEU A 165 1.40 7.78 -3.38
C LEU A 165 1.74 9.24 -3.05
N ARG A 166 2.88 9.74 -3.57
CA ARG A 166 3.20 11.14 -3.33
C ARG A 166 2.09 12.07 -3.80
N LYS A 167 1.58 11.83 -5.00
CA LYS A 167 0.51 12.67 -5.56
C LYS A 167 -0.76 12.60 -4.70
N LEU A 168 -1.10 11.39 -4.21
CA LEU A 168 -2.28 11.29 -3.37
C LEU A 168 -2.11 12.04 -2.05
N LEU A 169 -0.91 11.96 -1.50
N LEU A 169 -0.94 12.07 -1.44
CA LEU A 169 -0.74 12.50 -0.16
CA LEU A 169 -0.76 12.65 -0.12
C LEU A 169 -0.43 13.98 -0.19
C LEU A 169 -0.15 14.05 -0.12
N THR A 170 0.06 14.57 -1.28
N THR A 170 -0.12 14.68 -1.28
CA THR A 170 0.51 15.95 -1.27
CA THR A 170 0.44 16.03 -1.41
C THR A 170 -0.08 16.82 -2.37
C THR A 170 -0.08 16.64 -2.71
N GLY A 171 -0.75 16.25 -3.36
N GLY A 171 0.04 17.95 -2.91
CA GLY A 171 -1.11 16.91 -4.60
CA GLY A 171 -0.53 18.57 -4.10
C GLY A 171 -2.49 17.52 -4.48
C GLY A 171 -2.04 18.75 -4.01
N GLU A 172 -2.92 18.16 -5.55
N GLU A 172 -2.81 18.62 -5.08
CA GLU A 172 -4.22 18.80 -5.62
CA GLU A 172 -4.21 19.03 -5.01
C GLU A 172 -5.29 17.78 -6.01
C GLU A 172 -5.23 18.07 -5.60
N LEU A 173 -4.89 16.52 -6.16
N LEU A 173 -4.95 16.83 -5.95
CA LEU A 173 -5.81 15.42 -6.49
CA LEU A 173 -5.98 15.96 -6.53
C LEU A 173 -7.00 15.32 -5.57
C LEU A 173 -7.11 15.71 -5.54
N LEU A 174 -6.74 15.49 -4.28
CA LEU A 174 -7.71 15.36 -3.22
C LEU A 174 -7.77 16.67 -2.44
N THR A 175 -8.93 17.00 -1.88
CA THR A 175 -8.97 18.13 -0.96
C THR A 175 -8.08 17.83 0.23
N LEU A 176 -7.70 18.87 0.96
N LEU A 176 -7.69 18.86 0.98
CA LEU A 176 -6.85 18.55 2.11
CA LEU A 176 -6.92 18.72 2.21
C LEU A 176 -7.61 17.69 3.11
C LEU A 176 -7.59 17.75 3.17
N ALA A 177 -8.91 17.89 3.31
CA ALA A 177 -9.65 17.04 4.23
C ALA A 177 -9.55 15.58 3.82
N SER A 178 -9.69 15.34 2.53
CA SER A 178 -9.60 13.96 2.01
C SER A 178 -8.17 13.41 2.06
N ARG A 179 -7.15 14.19 1.72
N ARG A 179 -7.18 14.21 1.69
CA ARG A 179 -5.78 13.75 1.86
CA ARG A 179 -5.79 13.86 1.88
C ARG A 179 -5.47 13.37 3.29
C ARG A 179 -5.57 13.31 3.29
N GLN A 180 -5.94 14.16 4.24
CA GLN A 180 -5.69 13.82 5.63
C GLN A 180 -6.44 12.58 6.05
N GLN A 181 -7.66 12.37 5.55
CA GLN A 181 -8.36 11.15 5.88
C GLN A 181 -7.58 9.93 5.41
N LEU A 182 -7.02 10.02 4.20
CA LEU A 182 -6.28 8.88 3.65
C LEU A 182 -5.07 8.61 4.51
N ILE A 183 -4.33 9.67 4.86
N ILE A 183 -4.33 9.66 4.87
CA ILE A 183 -3.18 9.59 5.74
CA ILE A 183 -3.12 9.34 5.64
C ILE A 183 -3.57 8.92 7.06
C ILE A 183 -3.49 9.02 7.09
N ASP A 184 -4.65 9.44 7.62
CA ASP A 184 -5.12 8.95 8.92
C ASP A 184 -5.41 7.44 8.91
N TRP A 185 -6.04 6.96 7.85
CA TRP A 185 -6.25 5.51 7.73
C TRP A 185 -4.92 4.75 7.67
N MET A 186 -3.97 5.26 6.89
CA MET A 186 -2.65 4.65 6.78
C MET A 186 -1.86 4.74 8.07
N GLU A 187 -2.04 5.80 8.84
N GLU A 187 -1.93 5.82 8.83
CA GLU A 187 -1.30 5.92 10.09
CA GLU A 187 -1.23 5.92 10.11
C GLU A 187 -1.76 4.86 11.09
C GLU A 187 -1.75 4.86 11.09
N ALA A 188 -3.04 4.47 11.04
N ALA A 188 -3.04 4.57 10.97
CA ALA A 188 -3.54 3.38 11.89
CA ALA A 188 -3.81 3.68 11.81
C ALA A 188 -3.17 2.02 11.29
C ALA A 188 -3.61 2.22 11.44
N ASP A 189 -2.88 1.05 12.15
N ASP A 189 -2.73 1.92 10.48
CA ASP A 189 -2.37 -0.25 11.71
CA ASP A 189 -2.48 0.56 10.04
C ASP A 189 -2.58 -1.33 12.76
C ASP A 189 -2.18 -0.38 11.19
N LYS A 190 -2.98 -2.51 12.28
N LYS A 190 -2.92 -1.48 11.33
CA LYS A 190 -3.01 -3.70 13.11
CA LYS A 190 -2.73 -2.38 12.47
C LYS A 190 -2.31 -4.86 12.44
C LYS A 190 -2.00 -3.67 12.11
N VAL A 191 -1.66 -4.67 11.27
N VAL A 191 -1.78 -3.92 10.83
CA VAL A 191 -1.04 -5.84 10.65
CA VAL A 191 -1.31 -5.23 10.37
C VAL A 191 0.39 -5.64 10.16
C VAL A 191 0.01 -5.12 9.62
N ALA A 192 0.92 -4.42 10.07
N ALA A 192 0.82 -4.15 10.01
CA ALA A 192 2.22 -4.19 9.45
CA ALA A 192 2.15 -3.92 9.47
C ALA A 192 3.32 -3.97 10.48
C ALA A 192 3.24 -3.80 10.52
N GLY A 193 3.00 -4.31 11.72
CA GLY A 193 3.93 -4.18 12.81
C GLY A 193 5.29 -4.77 12.58
N PRO A 194 5.43 -6.00 12.07
N PRO A 194 5.46 -5.96 12.00
CA PRO A 194 6.75 -6.59 11.84
CA PRO A 194 6.82 -6.52 11.89
C PRO A 194 7.60 -5.93 10.77
C PRO A 194 7.58 -6.02 10.67
N LEU A 195 7.08 -4.96 10.04
CA LEU A 195 7.73 -4.42 8.84
C LEU A 195 8.46 -3.13 9.18
N LEU A 196 8.26 -2.03 8.45
CA LEU A 196 8.94 -0.80 8.74
C LEU A 196 8.69 -0.26 10.15
N ARG A 197 7.50 -0.47 10.70
CA ARG A 197 7.22 -0.01 12.04
C ARG A 197 8.17 -0.58 13.06
N SER A 198 8.69 -1.77 12.84
CA SER A 198 9.56 -2.34 13.90
C SER A 198 10.92 -1.67 13.89
N ALA A 199 11.26 -0.87 12.89
CA ALA A 199 12.51 -0.15 12.79
C ALA A 199 12.32 1.34 13.11
N LEU A 200 11.10 1.80 13.31
CA LEU A 200 10.81 3.24 13.34
C LEU A 200 11.19 3.84 14.69
N PRO A 201 11.99 4.90 14.73
CA PRO A 201 12.33 5.50 16.04
C PRO A 201 11.14 6.18 16.69
N ALA A 202 11.24 6.28 18.02
CA ALA A 202 10.26 7.02 18.79
C ALA A 202 10.16 8.46 18.29
N GLY A 203 8.92 8.94 18.21
CA GLY A 203 8.67 10.31 17.75
C GLY A 203 8.48 10.44 16.25
N TRP A 204 8.88 9.42 15.47
CA TRP A 204 8.71 9.47 14.03
C TRP A 204 7.26 9.15 13.64
N PHE A 205 6.85 9.68 12.49
N PHE A 205 6.88 9.67 12.48
CA PHE A 205 5.58 9.40 11.87
CA PHE A 205 5.65 9.49 11.77
C PHE A 205 5.74 8.28 10.84
C PHE A 205 5.76 8.26 10.87
N ILE A 206 4.71 7.45 10.75
CA ILE A 206 4.60 6.53 9.62
C ILE A 206 3.14 6.35 9.26
N ALA A 207 2.89 6.34 7.97
CA ALA A 207 1.60 6.04 7.36
C ALA A 207 1.91 4.98 6.31
N ASP A 208 1.36 3.79 6.46
CA ASP A 208 1.78 2.68 5.61
C ASP A 208 0.62 1.80 5.22
N LYS A 209 0.93 0.86 4.32
CA LYS A 209 0.03 -0.20 3.90
C LYS A 209 0.89 -1.38 3.41
N SER A 210 0.70 -2.54 4.01
CA SER A 210 1.39 -3.75 3.63
C SER A 210 0.62 -4.57 2.61
N GLY A 211 1.30 -5.58 2.06
CA GLY A 211 0.68 -6.57 1.22
C GLY A 211 1.36 -7.91 1.36
N ALA A 212 0.57 -8.95 1.15
CA ALA A 212 1.06 -10.31 1.07
C ALA A 212 0.24 -11.02 -0.02
N GLY A 213 0.90 -11.90 -0.76
CA GLY A 213 0.22 -12.67 -1.76
C GLY A 213 0.83 -14.03 -1.98
N GLU A 214 0.46 -14.70 -3.06
CA GLU A 214 0.98 -16.03 -3.37
C GLU A 214 2.43 -15.89 -3.78
N ARG A 215 3.08 -17.06 -3.87
CA ARG A 215 4.43 -17.18 -4.40
C ARG A 215 5.44 -16.27 -3.70
N GLY A 216 5.31 -16.15 -2.40
CA GLY A 216 6.24 -15.39 -1.59
C GLY A 216 6.12 -13.89 -1.69
N SER A 217 5.08 -13.41 -2.36
N SER A 217 5.09 -13.40 -2.36
CA SER A 217 4.95 -11.98 -2.50
CA SER A 217 4.93 -11.96 -2.57
C SER A 217 4.71 -11.28 -1.16
C SER A 217 4.62 -11.21 -1.28
N ARG A 218 5.35 -10.14 -1.05
CA ARG A 218 5.28 -9.33 0.14
C ARG A 218 5.66 -7.91 -0.20
N GLY A 219 5.08 -6.92 0.48
CA GLY A 219 5.50 -5.56 0.19
C GLY A 219 4.92 -4.58 1.18
N ILE A 220 5.38 -3.34 1.02
CA ILE A 220 4.89 -2.25 1.83
C ILE A 220 5.09 -0.94 1.08
N ILE A 221 4.15 -0.02 1.26
CA ILE A 221 4.24 1.38 0.86
C ILE A 221 4.14 2.23 2.12
N ALA A 222 4.90 3.30 2.21
CA ALA A 222 4.90 4.11 3.42
C ALA A 222 5.35 5.54 3.13
N ALA A 223 4.79 6.45 3.91
CA ALA A 223 5.28 7.82 4.09
C ALA A 223 5.76 7.92 5.52
N LEU A 224 6.99 8.39 5.75
CA LEU A 224 7.55 8.36 7.09
C LEU A 224 8.52 9.53 7.26
N GLY A 225 8.80 9.87 8.51
CA GLY A 225 9.81 10.90 8.78
C GLY A 225 9.87 11.23 10.24
N PRO A 226 10.87 12.02 10.59
CA PRO A 226 11.06 12.41 11.99
C PRO A 226 10.10 13.46 12.53
N ASP A 227 10.07 13.61 13.86
CA ASP A 227 9.24 14.55 14.53
C ASP A 227 7.82 14.70 14.03
N GLY A 228 7.20 13.55 13.88
CA GLY A 228 5.77 13.54 13.70
C GLY A 228 5.27 13.92 12.34
N LYS A 229 6.16 14.06 11.36
N LYS A 229 6.18 14.06 11.38
CA LYS A 229 5.69 14.45 10.02
CA LYS A 229 5.83 14.47 10.02
C LYS A 229 6.41 13.65 8.97
C LYS A 229 6.44 13.53 8.99
N PRO A 230 5.70 13.21 7.93
CA PRO A 230 6.36 12.45 6.86
C PRO A 230 7.22 13.36 6.01
N SER A 231 8.35 12.82 5.55
CA SER A 231 9.18 13.54 4.58
C SER A 231 9.72 12.68 3.47
N ARG A 232 9.55 11.37 3.50
CA ARG A 232 9.95 10.52 2.40
C ARG A 232 8.88 9.46 2.21
N ILE A 233 8.89 8.93 0.99
N ILE A 233 8.87 8.94 0.99
CA ILE A 233 8.12 7.71 0.74
CA ILE A 233 8.10 7.76 0.60
C ILE A 233 9.07 6.57 0.41
C ILE A 233 9.07 6.59 0.46
N VAL A 234 8.73 5.41 0.96
CA VAL A 234 9.48 4.18 0.76
C VAL A 234 8.48 3.16 0.20
N VAL A 235 8.89 2.45 -0.84
CA VAL A 235 8.15 1.35 -1.41
C VAL A 235 9.10 0.16 -1.51
N ILE A 236 8.70 -1.00 -0.99
CA ILE A 236 9.43 -2.24 -1.06
C ILE A 236 8.50 -3.34 -1.54
N TYR A 237 8.90 -4.07 -2.57
CA TYR A 237 8.18 -5.25 -2.99
C TYR A 237 9.14 -6.42 -3.17
N THR A 238 8.63 -7.63 -3.01
CA THR A 238 9.33 -8.84 -3.41
C THR A 238 8.31 -9.84 -3.90
N THR A 239 8.74 -10.68 -4.87
CA THR A 239 7.89 -11.82 -5.26
C THR A 239 8.78 -12.95 -5.70
N GLY A 240 8.33 -14.19 -5.54
CA GLY A 240 9.04 -15.37 -5.96
C GLY A 240 9.76 -16.14 -4.89
N SER A 241 9.95 -15.62 -3.68
CA SER A 241 10.72 -16.31 -2.68
C SER A 241 9.94 -17.51 -2.13
N GLN A 242 10.67 -18.53 -1.73
CA GLN A 242 10.16 -19.65 -0.98
C GLN A 242 10.32 -19.45 0.51
N ALA A 243 10.79 -18.29 0.93
CA ALA A 243 11.06 -18.06 2.34
C ALA A 243 9.78 -17.92 3.15
N THR A 244 9.92 -18.17 4.47
CA THR A 244 8.78 -18.01 5.35
C THR A 244 8.33 -16.57 5.44
N MET A 245 7.11 -16.36 5.87
CA MET A 245 6.63 -14.99 6.13
C MET A 245 7.55 -14.27 7.11
N ASP A 246 7.97 -14.93 8.20
CA ASP A 246 8.86 -14.28 9.16
C ASP A 246 10.14 -13.80 8.48
N GLU A 247 10.67 -14.67 7.61
N GLU A 247 10.73 -14.64 7.60
CA GLU A 247 11.89 -14.36 6.89
CA GLU A 247 11.98 -14.21 6.99
C GLU A 247 11.68 -13.14 6.01
C GLU A 247 11.76 -13.06 6.04
N ARG A 248 10.59 -13.10 5.25
N ARG A 248 10.64 -13.07 5.30
CA ARG A 248 10.29 -11.97 4.39
CA ARG A 248 10.36 -11.96 4.41
C ARG A 248 10.13 -10.71 5.23
C ARG A 248 10.11 -10.69 5.22
N ASN A 249 9.37 -10.79 6.33
CA ASN A 249 9.15 -9.65 7.21
C ASN A 249 10.45 -9.10 7.70
N ARG A 250 11.34 -9.99 8.19
CA ARG A 250 12.61 -9.54 8.74
C ARG A 250 13.44 -8.79 7.69
N GLN A 251 13.44 -9.27 6.46
CA GLN A 251 14.22 -8.56 5.42
C GLN A 251 13.69 -7.16 5.21
N ILE A 252 12.39 -6.99 5.17
CA ILE A 252 11.80 -5.68 5.02
C ILE A 252 12.12 -4.80 6.23
N ALA A 253 12.02 -5.37 7.43
CA ALA A 253 12.36 -4.62 8.65
C ALA A 253 13.83 -4.18 8.61
N GLU A 254 14.73 -5.00 8.10
CA GLU A 254 16.14 -4.71 8.04
C GLU A 254 16.48 -3.67 6.97
N ILE A 255 15.77 -3.68 5.86
CA ILE A 255 15.85 -2.58 4.90
C ILE A 255 15.44 -1.28 5.59
N GLY A 256 14.32 -1.34 6.32
CA GLY A 256 13.89 -0.19 7.08
C GLY A 256 14.92 0.30 8.07
N ALA A 257 15.51 -0.60 8.84
CA ALA A 257 16.53 -0.20 9.79
C ALA A 257 17.67 0.54 9.10
N SER A 258 18.07 0.07 7.93
CA SER A 258 19.18 0.73 7.22
C SER A 258 18.77 2.09 6.70
N LEU A 259 17.61 2.22 6.08
CA LEU A 259 17.23 3.54 5.55
C LEU A 259 17.04 4.56 6.68
N ILE A 260 16.58 4.11 7.85
N ILE A 260 16.64 4.11 7.87
CA ILE A 260 16.50 4.97 9.04
CA ILE A 260 16.50 5.04 8.99
C ILE A 260 17.91 5.39 9.46
C ILE A 260 17.84 5.34 9.64
N LYS A 261 18.79 4.39 9.60
CA LYS A 261 20.15 4.67 10.09
C LYS A 261 20.83 5.71 9.22
N HIS A 262 20.66 5.63 7.91
CA HIS A 262 21.33 6.50 6.98
C HIS A 262 20.49 7.68 6.53
N TRP A 263 19.40 7.99 7.22
CA TRP A 263 18.53 9.09 6.80
C TRP A 263 19.30 10.40 6.70
K K B . 21.13 7.59 -5.64
K K C . -26.97 -8.44 5.43
K K D . -1.51 1.28 7.96
P PO4 E . 2.27 -17.56 2.80
O1 PO4 E . 1.28 -16.46 2.47
O2 PO4 E . 3.63 -17.36 2.12
O3 PO4 E . 1.68 -18.91 2.33
O4 PO4 E . 2.51 -17.61 4.33
P PO4 F . -20.47 12.07 6.20
O1 PO4 F . -21.35 13.25 6.52
O2 PO4 F . -19.01 12.50 6.00
O3 PO4 F . -20.96 11.39 4.87
O4 PO4 F . -20.50 10.99 7.31
C18 CXB G . -4.13 -11.99 5.50
O17 CXB G . -3.99 -12.51 4.19
N16 CXB G . -3.19 -13.27 3.41
C13 CXB G . -3.43 -12.90 2.21
C11 CXB G . -4.25 -11.73 1.75
O12 CXB G . -5.32 -11.97 1.25
N10 CXB G . -3.73 -10.57 1.88
C7 CXB G . -4.41 -9.34 1.47
B CXB G . -3.32 -8.16 1.43
OB1 CXB G . -2.16 -8.44 0.56
OB2 CXB G . -2.83 -7.75 2.78
C14 CXB G . -2.94 -13.83 1.14
C15 CXB G . -3.39 -13.82 -0.15
S16 CXB G . -2.65 -15.09 -1.05
C17 CXB G . -1.77 -15.51 0.34
N18 CXB G . -0.86 -16.56 0.27
N19 CXB G . -1.99 -14.79 1.44
#